data_6VAR
#
_entry.id   6VAR
#
_entity_poly.entity_id   1
_entity_poly.type   'polyribonucleotide'
_entity_poly.pdbx_seq_one_letter_code
;GGUUCAUGUCCUACUGUUCAAGCCUCCAAGCUGUGCCUUGGGUGGCUUUGGGGCAUGGACC
;
_entity_poly.pdbx_strand_id   A
#
loop_
_chem_comp.id
_chem_comp.type
_chem_comp.name
_chem_comp.formula
A RNA linking ADENOSINE-5'-MONOPHOSPHATE 'C10 H14 N5 O7 P'
C RNA linking CYTIDINE-5'-MONOPHOSPHATE 'C9 H14 N3 O8 P'
G RNA linking GUANOSINE-5'-MONOPHOSPHATE 'C10 H14 N5 O8 P'
U RNA linking URIDINE-5'-MONOPHOSPHATE 'C9 H13 N2 O9 P'
#